data_6KTH
#
_entry.id   6KTH
#
_cell.length_a   47.960
_cell.length_b   67.570
_cell.length_c   69.470
_cell.angle_alpha   90.00
_cell.angle_beta   90.00
_cell.angle_gamma   90.00
#
_symmetry.space_group_name_H-M   'P 21 21 21'
#
loop_
_entity.id
_entity.type
_entity.pdbx_description
1 polymer 'Juvenile hormone diol kinase'
2 non-polymer 'CALCIUM ION'
3 non-polymer GLYCEROL
4 water water
#
_entity_poly.entity_id   1
_entity_poly.type   'polypeptide(L)'
_entity_poly.pdbx_seq_one_letter_code
;MHHHHHHSSGVDLGTENLYFQSMVSDFRKKKLLHVFTAFFDTNGSGTIDKKDFELAIERISKSRGWSAGDAQYKEVQDTL
LKVWDGLSSADTDNDGQVSKEEWISLWEKFSSSPSDWQNLYCKFIFQLEDASNDGSIDSEEFSSVYASFGLDKAEAASAF
QKLSKGKSSVSFAEFQELFKEYFASEDVNAPGNFVFGKTSF
;
_entity_poly.pdbx_strand_id   A
#
# COMPACT_ATOMS: atom_id res chain seq x y z
N ASP A 12 -3.80 -9.51 -20.56
CA ASP A 12 -2.92 -8.34 -20.84
C ASP A 12 -1.49 -8.82 -20.59
N LEU A 13 -0.73 -8.99 -21.64
CA LEU A 13 0.69 -9.30 -21.48
C LEU A 13 1.55 -8.03 -21.44
N GLY A 14 1.01 -6.85 -21.37
CA GLY A 14 1.82 -5.61 -21.37
C GLY A 14 2.86 -5.61 -20.32
N THR A 15 2.50 -6.02 -19.10
CA THR A 15 3.43 -6.01 -17.96
C THR A 15 4.54 -7.02 -18.08
N GLU A 16 4.43 -7.94 -19.03
CA GLU A 16 5.43 -8.98 -19.31
C GLU A 16 6.33 -8.57 -20.49
N ASN A 17 6.25 -7.37 -21.00
CA ASN A 17 7.07 -7.05 -22.17
C ASN A 17 8.51 -6.82 -21.78
N LEU A 18 9.47 -6.82 -22.71
CA LEU A 18 10.89 -6.82 -22.39
C LEU A 18 11.32 -5.53 -21.67
N TYR A 19 10.65 -4.47 -21.94
CA TYR A 19 10.97 -3.17 -21.25
C TYR A 19 10.71 -3.36 -19.74
N PHE A 20 9.55 -3.89 -19.39
CA PHE A 20 9.26 -4.09 -17.95
C PHE A 20 10.12 -5.16 -17.39
N GLN A 21 10.47 -6.22 -18.11
CA GLN A 21 11.37 -7.23 -17.57
C GLN A 21 12.78 -6.72 -17.38
N SER A 22 13.19 -5.74 -18.13
CA SER A 22 14.53 -5.16 -17.91
C SER A 22 14.44 -4.18 -16.73
N MET A 23 13.34 -3.58 -16.49
CA MET A 23 13.19 -2.54 -15.42
C MET A 23 13.06 -3.20 -14.06
N VAL A 24 12.28 -4.26 -13.91
CA VAL A 24 11.94 -4.86 -12.61
C VAL A 24 12.01 -6.36 -12.78
N SER A 25 12.55 -7.00 -11.77
CA SER A 25 12.49 -8.45 -11.71
C SER A 25 11.08 -8.95 -11.68
N ASP A 26 10.81 -10.17 -12.00
CA ASP A 26 9.50 -10.77 -11.88
C ASP A 26 9.04 -10.70 -10.42
N PHE A 27 9.88 -10.95 -9.47
CA PHE A 27 9.54 -10.96 -8.07
C PHE A 27 9.08 -9.57 -7.61
N ARG A 28 9.85 -8.56 -7.92
CA ARG A 28 9.46 -7.19 -7.58
C ARG A 28 8.20 -6.82 -8.31
N LYS A 29 8.04 -7.19 -9.57
CA LYS A 29 6.85 -6.83 -10.34
C LYS A 29 5.65 -7.43 -9.71
N LYS A 30 5.69 -8.66 -9.24
CA LYS A 30 4.59 -9.30 -8.56
C LYS A 30 4.22 -8.57 -7.25
N LYS A 31 5.23 -8.17 -6.50
CA LYS A 31 4.98 -7.39 -5.29
C LYS A 31 4.28 -6.05 -5.66
N LEU A 32 4.78 -5.36 -6.64
CA LEU A 32 4.20 -4.04 -6.99
C LEU A 32 2.78 -4.27 -7.46
N LEU A 33 2.51 -5.22 -8.30
CA LEU A 33 1.17 -5.41 -8.85
C LEU A 33 0.26 -5.91 -7.79
N HIS A 34 0.70 -6.59 -6.74
CA HIS A 34 -0.11 -7.01 -5.64
C HIS A 34 -0.69 -5.80 -4.94
N VAL A 35 0.04 -4.72 -4.75
CA VAL A 35 -0.44 -3.51 -4.09
C VAL A 35 -1.51 -2.89 -5.00
N PHE A 36 -1.30 -2.91 -6.29
CA PHE A 36 -2.32 -2.42 -7.25
C PHE A 36 -3.61 -3.19 -7.07
N THR A 37 -3.60 -4.49 -7.12
CA THR A 37 -4.84 -5.26 -7.14
C THR A 37 -5.42 -5.36 -5.79
N ALA A 38 -4.67 -5.51 -4.73
CA ALA A 38 -5.25 -5.77 -3.41
C ALA A 38 -5.60 -4.52 -2.67
N PHE A 39 -4.97 -3.38 -2.93
CA PHE A 39 -5.17 -2.14 -2.17
C PHE A 39 -5.71 -0.98 -2.98
N PHE A 40 -5.43 -0.85 -4.23
CA PHE A 40 -5.83 0.39 -4.96
C PHE A 40 -6.97 0.15 -5.91
N ASP A 41 -7.03 -0.95 -6.61
CA ASP A 41 -8.07 -1.18 -7.65
C ASP A 41 -9.27 -1.77 -6.97
N THR A 42 -10.03 -0.91 -6.24
CA THR A 42 -11.13 -1.37 -5.41
C THR A 42 -12.18 -2.10 -6.20
N ASN A 43 -12.52 -1.69 -7.39
CA ASN A 43 -13.59 -2.38 -8.11
C ASN A 43 -13.05 -3.54 -8.93
N GLY A 44 -11.75 -3.83 -8.96
CA GLY A 44 -11.20 -4.98 -9.68
C GLY A 44 -11.22 -4.82 -11.16
N SER A 45 -11.30 -3.65 -11.74
CA SER A 45 -11.45 -3.44 -13.18
C SER A 45 -10.15 -3.63 -13.93
N GLY A 46 -9.03 -3.57 -13.23
CA GLY A 46 -7.69 -3.66 -13.85
C GLY A 46 -7.07 -2.33 -14.12
N THR A 47 -7.75 -1.23 -13.79
CA THR A 47 -7.28 0.12 -13.92
C THR A 47 -7.63 0.91 -12.65
N ILE A 48 -6.77 1.75 -12.19
CA ILE A 48 -7.09 2.63 -11.04
C ILE A 48 -7.67 3.90 -11.54
N ASP A 49 -8.77 4.36 -10.98
CA ASP A 49 -9.32 5.72 -11.30
C ASP A 49 -9.93 6.30 -10.04
N LYS A 50 -10.50 7.50 -10.13
CA LYS A 50 -11.00 8.17 -8.97
C LYS A 50 -12.14 7.37 -8.32
N LYS A 51 -12.92 6.70 -9.06
CA LYS A 51 -14.01 5.88 -8.52
C LYS A 51 -13.43 4.89 -7.56
N ASP A 52 -12.28 4.28 -7.85
CA ASP A 52 -11.71 3.34 -6.89
C ASP A 52 -11.46 3.98 -5.54
N PHE A 53 -11.01 5.21 -5.53
CA PHE A 53 -10.73 5.94 -4.28
C PHE A 53 -12.04 6.30 -3.60
N GLU A 54 -13.06 6.69 -4.34
CA GLU A 54 -14.36 7.05 -3.73
C GLU A 54 -14.93 5.78 -3.13
N LEU A 55 -14.81 4.62 -3.70
CA LEU A 55 -15.26 3.37 -3.05
C LEU A 55 -14.39 3.04 -1.87
N ALA A 56 -13.07 3.20 -1.95
CA ALA A 56 -12.15 2.87 -0.86
C ALA A 56 -12.46 3.72 0.34
N ILE A 57 -12.72 4.99 0.20
CA ILE A 57 -12.98 5.88 1.32
C ILE A 57 -14.11 5.29 2.14
N GLU A 58 -15.22 4.98 1.49
CA GLU A 58 -16.41 4.46 2.17
C GLU A 58 -16.06 3.13 2.78
N ARG A 59 -15.42 2.23 2.04
CA ARG A 59 -15.22 0.85 2.52
C ARG A 59 -14.20 0.78 3.64
N ILE A 60 -13.07 1.43 3.49
CA ILE A 60 -12.06 1.42 4.56
C ILE A 60 -12.66 2.04 5.77
N SER A 61 -13.35 3.16 5.68
CA SER A 61 -13.97 3.77 6.85
C SER A 61 -14.90 2.80 7.54
N LYS A 62 -15.76 2.14 6.80
CA LYS A 62 -16.70 1.17 7.40
C LYS A 62 -15.95 0.04 8.04
N SER A 63 -14.84 -0.37 7.48
CA SER A 63 -14.05 -1.52 8.00
C SER A 63 -13.46 -1.19 9.38
N ARG A 64 -13.33 0.08 9.66
CA ARG A 64 -12.84 0.56 10.98
C ARG A 64 -13.95 1.06 11.86
N GLY A 65 -15.20 0.89 11.48
CA GLY A 65 -16.39 1.26 12.27
C GLY A 65 -16.75 2.71 12.15
N TRP A 66 -16.33 3.41 11.11
CA TRP A 66 -16.61 4.85 10.93
C TRP A 66 -17.63 5.02 9.84
N SER A 67 -18.31 6.14 9.88
CA SER A 67 -19.34 6.49 8.90
C SER A 67 -19.23 7.96 8.62
N ALA A 68 -19.82 8.38 7.51
CA ALA A 68 -19.70 9.76 7.08
C ALA A 68 -20.17 10.66 8.19
N GLY A 69 -19.51 11.79 8.37
CA GLY A 69 -19.86 12.67 9.51
C GLY A 69 -18.87 12.45 10.64
N ASP A 70 -18.26 11.27 10.82
CA ASP A 70 -17.25 11.02 11.86
C ASP A 70 -15.97 11.77 11.49
N ALA A 71 -15.23 12.29 12.45
CA ALA A 71 -13.98 12.96 12.17
C ALA A 71 -13.04 12.00 11.46
N GLN A 72 -12.98 10.75 11.86
CA GLN A 72 -12.03 9.78 11.24
C GLN A 72 -12.44 9.54 9.78
N TYR A 73 -13.69 9.54 9.45
CA TYR A 73 -14.12 9.37 8.04
C TYR A 73 -13.62 10.54 7.24
N LYS A 74 -13.75 11.74 7.73
CA LYS A 74 -13.31 12.95 7.02
C LYS A 74 -11.77 12.85 6.80
N GLU A 75 -11.03 12.34 7.76
CA GLU A 75 -9.59 12.15 7.66
C GLU A 75 -9.28 11.16 6.52
N VAL A 76 -9.95 10.00 6.51
CA VAL A 76 -9.71 9.04 5.39
C VAL A 76 -9.97 9.73 4.07
N GLN A 77 -11.15 10.38 3.99
CA GLN A 77 -11.57 11.03 2.74
C GLN A 77 -10.53 12.00 2.26
N ASP A 78 -10.11 12.90 3.16
CA ASP A 78 -9.21 13.97 2.74
C ASP A 78 -7.86 13.36 2.32
N THR A 79 -7.38 12.40 3.10
CA THR A 79 -6.07 11.83 2.79
C THR A 79 -6.12 11.03 1.46
N LEU A 80 -7.11 10.16 1.29
CA LEU A 80 -7.15 9.38 0.07
C LEU A 80 -7.39 10.23 -1.17
N LEU A 81 -8.18 11.28 -1.04
CA LEU A 81 -8.34 12.16 -2.21
C LEU A 81 -7.03 12.88 -2.53
N LYS A 82 -6.21 13.17 -1.53
CA LYS A 82 -4.87 13.73 -1.80
C LYS A 82 -3.97 12.72 -2.44
N VAL A 83 -4.02 11.45 -2.03
CA VAL A 83 -3.25 10.40 -2.69
C VAL A 83 -3.68 10.32 -4.15
N TRP A 84 -4.98 10.34 -4.43
CA TRP A 84 -5.41 10.29 -5.84
C TRP A 84 -4.92 11.54 -6.60
N ASP A 85 -5.01 12.69 -5.96
CA ASP A 85 -4.56 13.96 -6.65
C ASP A 85 -3.14 13.75 -7.15
N GLY A 86 -2.25 13.20 -6.32
CA GLY A 86 -0.87 13.02 -6.66
C GLY A 86 -0.71 11.95 -7.65
N LEU A 87 -1.33 10.78 -7.51
CA LEU A 87 -1.21 9.62 -8.38
C LEU A 87 -1.71 10.00 -9.79
N SER A 88 -2.75 10.75 -9.89
CA SER A 88 -3.36 11.15 -11.19
C SER A 88 -2.57 12.23 -11.89
N SER A 89 -1.74 12.98 -11.19
CA SER A 89 -0.85 14.04 -11.75
C SER A 89 0.33 13.42 -12.45
N ALA A 90 0.65 12.14 -12.29
CA ALA A 90 1.53 11.38 -13.23
C ALA A 90 1.06 11.46 -14.70
N ASP A 91 2.02 11.39 -15.63
CA ASP A 91 1.79 11.44 -17.10
C ASP A 91 1.33 10.05 -17.59
N THR A 92 0.02 9.82 -17.59
CA THR A 92 -0.63 8.53 -17.96
C THR A 92 -1.17 8.64 -19.40
N ASP A 93 -1.30 7.51 -20.09
CA ASP A 93 -1.92 7.45 -21.44
C ASP A 93 -3.29 8.14 -21.39
N ASN A 94 -4.21 7.65 -20.52
CA ASN A 94 -5.58 8.20 -20.39
C ASN A 94 -5.65 9.05 -19.13
N ASP A 95 -6.10 10.31 -19.22
CA ASP A 95 -6.23 11.19 -18.05
C ASP A 95 -7.18 10.51 -17.06
N GLY A 96 -6.84 10.64 -15.81
CA GLY A 96 -7.59 10.08 -14.68
C GLY A 96 -7.63 8.55 -14.68
N GLN A 97 -6.77 7.80 -15.37
CA GLN A 97 -6.76 6.31 -15.27
C GLN A 97 -5.30 5.88 -15.14
N VAL A 98 -5.01 4.91 -14.30
CA VAL A 98 -3.66 4.37 -14.12
C VAL A 98 -3.68 2.92 -14.41
N SER A 99 -2.97 2.49 -15.46
CA SER A 99 -2.80 1.10 -15.88
C SER A 99 -1.78 0.41 -14.96
N LYS A 100 -1.79 -0.93 -15.08
CA LYS A 100 -0.74 -1.70 -14.39
C LYS A 100 0.65 -1.37 -14.90
N GLU A 101 0.77 -1.11 -16.20
CA GLU A 101 2.12 -0.79 -16.73
C GLU A 101 2.62 0.56 -16.22
N GLU A 102 1.69 1.53 -16.06
CA GLU A 102 2.03 2.83 -15.47
C GLU A 102 2.39 2.69 -14.00
N TRP A 103 1.65 1.84 -13.32
CA TRP A 103 1.92 1.60 -11.90
C TRP A 103 3.33 1.12 -11.67
N ILE A 104 3.77 0.14 -12.51
CA ILE A 104 5.14 -0.38 -12.32
C ILE A 104 6.15 0.70 -12.46
N SER A 105 5.98 1.52 -13.46
CA SER A 105 6.93 2.65 -13.69
C SER A 105 6.96 3.56 -12.45
N LEU A 106 5.79 3.81 -11.87
CA LEU A 106 5.70 4.76 -10.73
C LEU A 106 6.41 4.19 -9.52
N TRP A 107 6.45 2.90 -9.30
CA TRP A 107 7.02 2.34 -8.06
C TRP A 107 8.44 1.89 -8.26
N GLU A 108 8.88 1.60 -9.47
CA GLU A 108 10.21 1.01 -9.72
C GLU A 108 11.35 1.87 -9.22
N LYS A 109 11.14 3.14 -9.20
CA LYS A 109 12.25 4.02 -8.71
C LYS A 109 11.84 4.72 -7.41
N PHE A 110 10.90 4.18 -6.63
CA PHE A 110 10.48 4.79 -5.36
C PHE A 110 11.73 5.00 -4.51
N SER A 111 12.78 4.18 -4.56
CA SER A 111 13.93 4.38 -3.66
C SER A 111 14.72 5.61 -4.03
N SER A 112 14.70 6.03 -5.26
CA SER A 112 15.55 7.18 -5.65
C SER A 112 14.73 8.43 -5.81
N SER A 113 13.43 8.33 -6.14
CA SER A 113 12.60 9.47 -6.52
C SER A 113 11.20 9.25 -5.94
N PRO A 114 11.05 9.16 -4.61
CA PRO A 114 9.69 8.98 -4.05
C PRO A 114 8.81 10.19 -4.29
N SER A 115 7.54 9.99 -4.60
CA SER A 115 6.55 11.05 -4.80
C SER A 115 5.73 11.27 -3.53
N ASP A 116 5.18 12.44 -3.37
CA ASP A 116 4.41 12.76 -2.19
C ASP A 116 3.25 11.81 -2.00
N TRP A 117 2.57 11.44 -3.02
CA TRP A 117 1.39 10.61 -2.86
C TRP A 117 1.82 9.25 -2.27
N GLN A 118 2.97 8.76 -2.63
CA GLN A 118 3.52 7.49 -2.16
C GLN A 118 3.86 7.58 -0.68
N ASN A 119 4.53 8.62 -0.26
CA ASN A 119 4.79 8.84 1.16
C ASN A 119 3.48 8.98 1.94
N LEU A 120 2.53 9.65 1.37
CA LEU A 120 1.29 9.90 2.07
C LEU A 120 0.53 8.58 2.24
N TYR A 121 0.58 7.67 1.29
CA TYR A 121 -0.10 6.39 1.43
C TYR A 121 0.58 5.57 2.53
N CYS A 122 1.87 5.57 2.56
CA CYS A 122 2.59 4.87 3.64
C CYS A 122 2.13 5.42 5.02
N LYS A 123 2.09 6.72 5.17
CA LYS A 123 1.62 7.31 6.38
C LYS A 123 0.17 6.96 6.67
N PHE A 124 -0.65 6.92 5.67
CA PHE A 124 -2.08 6.57 5.86
C PHE A 124 -2.20 5.19 6.53
N ILE A 125 -1.52 4.22 5.98
CA ILE A 125 -1.60 2.85 6.56
C ILE A 125 -1.05 2.88 7.98
N PHE A 126 0.11 3.53 8.17
CA PHE A 126 0.70 3.51 9.52
C PHE A 126 -0.27 4.16 10.47
N GLN A 127 -0.89 5.26 10.16
CA GLN A 127 -1.77 6.00 11.07
C GLN A 127 -3.09 5.27 11.32
N LEU A 128 -3.52 4.43 10.43
CA LEU A 128 -4.67 3.56 10.77
C LEU A 128 -4.26 2.65 11.86
N GLU A 129 -3.02 2.14 11.83
CA GLU A 129 -2.53 1.18 12.83
C GLU A 129 -2.23 1.90 14.12
N ASP A 130 -1.49 3.00 14.12
CA ASP A 130 -1.10 3.75 15.31
C ASP A 130 -2.16 4.82 15.52
N ALA A 131 -3.34 4.40 15.93
CA ALA A 131 -4.50 5.31 16.04
C ALA A 131 -4.29 6.32 17.13
N SER A 132 -3.50 6.07 18.16
CA SER A 132 -3.25 7.05 19.25
C SER A 132 -2.05 7.91 19.02
N ASN A 133 -1.36 7.75 17.91
CA ASN A 133 -0.18 8.57 17.60
C ASN A 133 0.90 8.37 18.66
N ASP A 134 1.24 7.13 18.96
CA ASP A 134 2.36 6.80 19.82
C ASP A 134 3.66 6.86 19.08
N GLY A 135 3.64 6.81 17.76
CA GLY A 135 4.86 6.86 16.93
C GLY A 135 5.37 5.50 16.56
N SER A 136 4.71 4.43 17.04
CA SER A 136 5.10 3.03 16.78
C SER A 136 3.86 2.18 16.67
N ILE A 137 3.95 1.07 16.06
CA ILE A 137 2.89 0.05 15.97
C ILE A 137 3.33 -1.24 16.64
N ASP A 138 2.35 -2.00 17.05
CA ASP A 138 2.58 -3.34 17.59
C ASP A 138 1.85 -4.34 16.71
N SER A 139 1.97 -5.61 17.07
CA SER A 139 1.37 -6.70 16.26
C SER A 139 -0.15 -6.60 16.22
N GLU A 140 -0.73 -6.30 17.36
CA GLU A 140 -2.19 -6.25 17.39
C GLU A 140 -2.76 -5.18 16.49
N GLU A 141 -2.15 -4.01 16.46
CA GLU A 141 -2.59 -2.93 15.61
C GLU A 141 -2.39 -3.24 14.13
N PHE A 142 -1.25 -3.79 13.81
CA PHE A 142 -0.91 -4.21 12.42
C PHE A 142 -1.90 -5.23 11.95
N SER A 143 -2.12 -6.23 12.73
CA SER A 143 -3.00 -7.36 12.31
C SER A 143 -4.42 -6.86 12.30
N SER A 144 -4.84 -6.00 13.15
CA SER A 144 -6.25 -5.49 13.16
C SER A 144 -6.46 -4.76 11.89
N VAL A 145 -5.62 -3.86 11.47
CA VAL A 145 -5.85 -3.08 10.28
C VAL A 145 -5.83 -3.99 9.10
N TYR A 146 -4.92 -4.94 8.93
CA TYR A 146 -4.95 -5.82 7.74
C TYR A 146 -6.18 -6.75 7.81
N ALA A 147 -6.63 -7.14 8.94
CA ALA A 147 -7.92 -7.90 9.01
C ALA A 147 -9.01 -6.96 8.44
N SER A 148 -9.04 -5.69 8.76
CA SER A 148 -10.07 -4.78 8.24
C SER A 148 -9.97 -4.74 6.75
N PHE A 149 -8.76 -4.78 6.12
CA PHE A 149 -8.54 -4.81 4.67
C PHE A 149 -8.90 -6.18 4.07
N GLY A 150 -9.35 -7.11 4.86
CA GLY A 150 -9.87 -8.40 4.38
C GLY A 150 -8.83 -9.45 4.35
N LEU A 151 -7.68 -9.23 4.97
CA LEU A 151 -6.63 -10.27 5.01
C LEU A 151 -6.78 -11.15 6.22
N ASP A 152 -6.20 -12.31 6.18
CA ASP A 152 -6.23 -13.20 7.34
C ASP A 152 -5.46 -12.62 8.53
N LYS A 153 -6.11 -12.45 9.69
CA LYS A 153 -5.50 -11.84 10.86
C LYS A 153 -4.31 -12.62 11.35
N ALA A 154 -4.40 -13.94 11.47
CA ALA A 154 -3.28 -14.74 12.00
C ALA A 154 -2.09 -14.62 11.03
N GLU A 155 -2.32 -14.64 9.76
CA GLU A 155 -1.18 -14.49 8.81
C GLU A 155 -0.57 -13.07 8.93
N ALA A 156 -1.41 -12.04 9.18
CA ALA A 156 -0.87 -10.69 9.38
C ALA A 156 -0.04 -10.64 10.65
N ALA A 157 -0.46 -11.33 11.71
CA ALA A 157 0.35 -11.35 12.95
C ALA A 157 1.69 -12.07 12.64
N SER A 158 1.68 -13.15 11.84
CA SER A 158 2.90 -13.84 11.40
C SER A 158 3.77 -12.84 10.61
N ALA A 159 3.16 -12.12 9.70
CA ALA A 159 3.88 -11.13 8.91
C ALA A 159 4.55 -10.12 9.85
N PHE A 160 3.84 -9.64 10.88
CA PHE A 160 4.45 -8.67 11.80
C PHE A 160 5.74 -9.20 12.44
N GLN A 161 5.67 -10.48 12.85
CA GLN A 161 6.87 -11.10 13.47
C GLN A 161 8.08 -11.03 12.51
N LYS A 162 7.82 -11.24 11.25
CA LYS A 162 8.96 -11.19 10.28
C LYS A 162 9.31 -9.73 9.94
N LEU A 163 8.31 -8.89 9.80
CA LEU A 163 8.53 -7.46 9.50
C LEU A 163 9.42 -6.83 10.54
N SER A 164 9.10 -7.17 11.80
CA SER A 164 9.72 -6.53 12.98
C SER A 164 11.03 -7.11 13.38
N LYS A 165 11.41 -8.23 12.79
CA LYS A 165 12.72 -8.88 13.11
C LYS A 165 12.81 -9.07 14.62
N GLY A 166 11.73 -9.46 15.26
CA GLY A 166 11.81 -9.74 16.71
C GLY A 166 11.46 -8.51 17.53
N LYS A 167 11.40 -7.32 17.01
CA LYS A 167 11.01 -6.17 17.87
C LYS A 167 9.60 -6.29 18.32
N SER A 168 9.29 -5.78 19.52
CA SER A 168 7.91 -5.73 20.06
C SER A 168 7.06 -4.62 19.45
N SER A 169 7.75 -3.58 18.98
CA SER A 169 7.06 -2.44 18.34
C SER A 169 7.98 -1.91 17.29
N VAL A 170 7.40 -1.31 16.26
CA VAL A 170 8.07 -0.81 15.07
C VAL A 170 7.74 0.67 14.95
N SER A 171 8.77 1.51 14.89
CA SER A 171 8.58 2.96 14.82
C SER A 171 8.07 3.39 13.44
N PHE A 172 7.55 4.59 13.36
CA PHE A 172 7.13 5.17 12.04
C PHE A 172 8.29 5.17 11.09
N ALA A 173 9.47 5.62 11.49
CA ALA A 173 10.60 5.63 10.58
C ALA A 173 11.00 4.24 10.13
N GLU A 174 10.99 3.29 11.06
CA GLU A 174 11.32 1.92 10.65
C GLU A 174 10.25 1.43 9.68
N PHE A 175 8.99 1.74 9.86
CA PHE A 175 7.91 1.29 8.95
C PHE A 175 8.16 1.93 7.59
N GLN A 176 8.53 3.22 7.53
CA GLN A 176 8.75 3.86 6.24
C GLN A 176 9.90 3.17 5.52
N GLU A 177 10.94 2.79 6.18
CA GLU A 177 12.03 2.08 5.55
C GLU A 177 11.62 0.71 5.14
N LEU A 178 10.77 0.01 5.86
CA LEU A 178 10.24 -1.31 5.49
C LEU A 178 9.36 -1.16 4.25
N PHE A 179 8.55 -0.10 4.18
CA PHE A 179 7.75 0.20 3.01
C PHE A 179 8.63 0.34 1.79
N LYS A 180 9.70 1.13 1.89
CA LYS A 180 10.63 1.25 0.77
C LYS A 180 11.16 -0.12 0.41
N GLU A 181 11.56 -0.94 1.36
CA GLU A 181 12.14 -2.24 1.07
C GLU A 181 11.11 -3.16 0.38
N TYR A 182 9.86 -3.08 0.70
CA TYR A 182 8.83 -3.88 0.00
C TYR A 182 8.96 -3.65 -1.51
N PHE A 183 9.02 -2.42 -1.95
CA PHE A 183 9.08 -2.15 -3.39
C PHE A 183 10.44 -2.45 -3.94
N ALA A 184 11.50 -2.27 -3.22
CA ALA A 184 12.88 -2.34 -3.76
C ALA A 184 13.47 -3.73 -3.67
N SER A 185 13.17 -4.51 -2.67
CA SER A 185 14.06 -5.63 -2.37
C SER A 185 13.90 -6.77 -3.36
N GLU A 186 15.05 -7.40 -3.66
CA GLU A 186 15.14 -8.61 -4.46
C GLU A 186 15.17 -9.83 -3.54
N ASP A 187 15.28 -9.67 -2.26
CA ASP A 187 15.43 -10.79 -1.33
C ASP A 187 14.08 -11.29 -0.95
N VAL A 188 13.81 -12.57 -1.05
CA VAL A 188 12.43 -13.08 -0.78
C VAL A 188 12.11 -13.05 0.74
N ASN A 189 13.11 -12.97 1.58
CA ASN A 189 12.91 -12.90 3.05
C ASN A 189 13.18 -11.52 3.60
N ALA A 190 13.26 -10.51 2.79
CA ALA A 190 13.50 -9.15 3.27
C ALA A 190 12.35 -8.78 4.22
N PRO A 191 12.60 -8.26 5.43
CA PRO A 191 11.54 -7.85 6.32
C PRO A 191 10.46 -6.97 5.72
N GLY A 192 10.84 -6.08 4.83
CA GLY A 192 9.87 -5.18 4.24
C GLY A 192 8.89 -5.89 3.35
N ASN A 193 9.20 -7.11 2.88
CA ASN A 193 8.19 -7.85 2.09
C ASN A 193 6.91 -8.04 2.82
N PHE A 194 6.98 -8.09 4.16
CA PHE A 194 5.86 -8.47 5.01
C PHE A 194 5.06 -7.27 5.38
N VAL A 195 5.35 -6.06 4.90
CA VAL A 195 4.72 -4.82 5.38
C VAL A 195 3.27 -4.75 4.98
N PHE A 196 2.82 -5.44 3.96
CA PHE A 196 1.40 -5.46 3.55
C PHE A 196 0.67 -6.69 4.09
N GLY A 197 1.19 -7.33 5.11
CA GLY A 197 0.39 -8.25 5.93
C GLY A 197 0.39 -9.66 5.50
N LYS A 198 1.16 -10.06 4.49
CA LYS A 198 1.20 -11.45 4.06
C LYS A 198 2.58 -12.02 4.24
N THR A 199 2.59 -13.37 4.31
CA THR A 199 3.87 -14.12 4.49
C THR A 199 4.26 -14.87 3.21
N SER A 200 3.50 -14.78 2.16
CA SER A 200 3.80 -15.41 0.85
C SER A 200 3.63 -14.36 -0.25
N PHE A 201 4.18 -14.70 -1.44
CA PHE A 201 4.60 -13.86 -2.60
C PHE A 201 4.69 -14.84 -3.79
#